data_4Z7J
#
_entry.id   4Z7J
#
_cell.length_a   99.362
_cell.length_b   99.362
_cell.length_c   165.353
_cell.angle_alpha   90.00
_cell.angle_beta   90.00
_cell.angle_gamma   90.00
#
_symmetry.space_group_name_H-M   'I 4 2 2'
#
loop_
_entity.id
_entity.type
_entity.pdbx_description
1 polymer 'N5-carboxyaminoimidazole ribonucleotide mutase'
2 non-polymer 'ACETATE ION'
3 non-polymer 'BICARBONATE ION'
4 non-polymer 1,2-ETHANEDIOL
5 non-polymer 5-O-phosphono-beta-D-ribofuranose
6 non-polymer 2-(2-METHOXYETHOXY)ETHANOL
7 non-polymer 'SULFATE ION'
8 water water
#
_entity_poly.entity_id   1
_entity_poly.type   'polypeptide(L)'
_entity_poly.pdbx_seq_one_letter_code
;MMSETAPLPSASSALEDKAASAPVVGIIMGSQSDWETMRHADALLTELEIPHETLIVAAHRTPDRLADYARTAAERGLNV
IIAGAGGAAHLPGMCAAWTRLPVLGVPVESRALKGMDSLLSIVQMPGGVPVGTLAIGASGAKNAALLAASILALYNPALA
ARLETWRALQTASVPNSPITEDK
;
_entity_poly.pdbx_strand_id   A,B
#
# COMPACT_ATOMS: atom_id res chain seq x y z
N SER A 21 -17.31 14.25 12.32
CA SER A 21 -17.72 12.93 11.87
C SER A 21 -16.86 11.84 12.51
N ALA A 22 -17.36 10.62 12.48
CA ALA A 22 -16.62 9.46 12.99
C ALA A 22 -15.40 9.19 12.11
N PRO A 23 -14.27 8.83 12.73
CA PRO A 23 -13.04 8.64 11.94
C PRO A 23 -13.12 7.45 10.99
N VAL A 24 -12.57 7.61 9.79
CA VAL A 24 -12.49 6.50 8.85
C VAL A 24 -11.04 6.10 8.58
N VAL A 25 -10.09 6.90 9.03
CA VAL A 25 -8.67 6.54 9.00
C VAL A 25 -8.12 6.69 10.40
N GLY A 26 -7.33 5.73 10.86
CA GLY A 26 -6.59 5.86 12.09
C GLY A 26 -5.12 6.04 11.77
N ILE A 27 -4.52 7.10 12.29
CA ILE A 27 -3.08 7.28 12.23
C ILE A 27 -2.50 6.94 13.57
N ILE A 28 -1.63 5.94 13.62
CA ILE A 28 -1.05 5.52 14.89
C ILE A 28 0.46 5.49 14.77
N MET A 29 1.14 5.73 15.88
CA MET A 29 2.60 5.76 15.93
C MET A 29 3.08 5.33 17.31
N GLY A 30 4.30 4.82 17.37
CA GLY A 30 4.77 4.21 18.60
C GLY A 30 5.24 5.16 19.66
N SER A 31 5.52 6.41 19.30
CA SER A 31 6.11 7.35 20.24
CA SER A 31 6.04 7.37 20.28
C SER A 31 5.89 8.81 19.83
N GLN A 32 6.01 9.72 20.80
CA GLN A 32 5.99 11.15 20.50
C GLN A 32 7.11 11.49 19.51
N SER A 33 8.22 10.76 19.58
CA SER A 33 9.33 11.07 18.67
CA SER A 33 9.36 10.95 18.68
C SER A 33 8.98 10.79 17.20
N ASP A 34 7.91 10.03 16.95
CA ASP A 34 7.47 9.78 15.59
C ASP A 34 6.60 10.91 15.03
N TRP A 35 6.14 11.81 15.91
CA TRP A 35 5.18 12.83 15.49
C TRP A 35 5.75 13.80 14.46
N GLU A 36 7.03 14.16 14.59
CA GLU A 36 7.67 15.03 13.60
C GLU A 36 7.46 14.48 12.19
N THR A 37 7.44 13.16 12.07
CA THR A 37 7.18 12.51 10.79
C THR A 37 5.69 12.36 10.50
N MET A 38 4.94 11.84 11.45
CA MET A 38 3.56 11.44 11.18
C MET A 38 2.60 12.64 11.08
N ARG A 39 3.03 13.80 11.56
CA ARG A 39 2.23 15.02 11.41
C ARG A 39 1.93 15.32 9.94
N HIS A 40 2.79 14.87 9.02
CA HIS A 40 2.54 15.10 7.61
C HIS A 40 1.36 14.29 7.10
N ALA A 41 1.14 13.11 7.68
CA ALA A 41 -0.04 12.32 7.33
C ALA A 41 -1.29 12.99 7.86
N ASP A 42 -1.21 13.43 9.11
CA ASP A 42 -2.32 14.13 9.75
C ASP A 42 -2.75 15.38 8.97
N ALA A 43 -1.76 16.16 8.56
CA ALA A 43 -2.05 17.39 7.83
C ALA A 43 -2.74 17.12 6.51
N LEU A 44 -2.29 16.08 5.81
CA LEU A 44 -2.85 15.76 4.50
C LEU A 44 -4.31 15.31 4.63
N LEU A 45 -4.59 14.43 5.59
CA LEU A 45 -5.97 13.99 5.79
C LEU A 45 -6.86 15.18 6.14
N THR A 46 -6.36 16.11 6.96
CA THR A 46 -7.12 17.32 7.29
C THR A 46 -7.40 18.16 6.04
N GLU A 47 -6.38 18.33 5.20
CA GLU A 47 -6.51 19.10 3.96
C GLU A 47 -7.58 18.53 3.04
N LEU A 48 -7.67 17.20 2.99
CA LEU A 48 -8.66 16.56 2.14
C LEU A 48 -9.99 16.32 2.86
N GLU A 49 -10.11 16.82 4.09
CA GLU A 49 -11.33 16.70 4.91
C GLU A 49 -11.77 15.24 5.10
N ILE A 50 -10.80 14.39 5.42
CA ILE A 50 -11.06 13.00 5.75
C ILE A 50 -11.08 12.86 7.25
N PRO A 51 -12.22 12.45 7.83
CA PRO A 51 -12.33 12.30 9.28
C PRO A 51 -11.35 11.25 9.76
N HIS A 52 -10.56 11.57 10.77
CA HIS A 52 -9.54 10.63 11.24
C HIS A 52 -9.23 10.82 12.72
N GLU A 53 -8.54 9.83 13.28
CA GLU A 53 -8.01 9.92 14.64
C GLU A 53 -6.50 9.72 14.58
N THR A 54 -5.79 10.40 15.47
CA THR A 54 -4.33 10.41 15.50
C THR A 54 -3.88 10.09 16.91
N LEU A 55 -3.23 8.94 17.06
CA LEU A 55 -3.01 8.33 18.37
C LEU A 55 -1.61 7.76 18.52
N ILE A 56 -1.16 7.62 19.76
CA ILE A 56 0.05 6.85 20.03
C ILE A 56 -0.34 5.44 20.47
N VAL A 57 0.22 4.45 19.77
CA VAL A 57 0.02 3.04 20.08
C VAL A 57 1.38 2.39 19.94
N ALA A 58 1.94 1.90 21.03
CA ALA A 58 3.29 1.37 21.03
C ALA A 58 3.30 -0.15 20.97
N ALA A 59 3.83 -0.72 19.88
CA ALA A 59 3.80 -2.18 19.75
C ALA A 59 4.51 -2.89 20.91
N HIS A 60 5.62 -2.33 21.38
CA HIS A 60 6.40 -3.02 22.39
C HIS A 60 6.08 -2.57 23.81
N ARG A 61 5.81 -1.29 23.96
N ARG A 61 5.83 -1.28 24.00
CA ARG A 61 5.55 -0.72 25.28
CA ARG A 61 5.54 -0.82 25.35
C ARG A 61 4.08 -0.83 25.68
C ARG A 61 4.06 -0.97 25.70
N THR A 62 3.18 -0.92 24.70
CA THR A 62 1.73 -1.11 24.98
C THR A 62 1.12 -2.17 24.06
N PRO A 63 1.58 -3.42 24.16
CA PRO A 63 1.12 -4.42 23.20
C PRO A 63 -0.39 -4.75 23.34
N ASP A 64 -0.94 -4.69 24.56
CA ASP A 64 -2.37 -4.96 24.71
C ASP A 64 -3.20 -3.80 24.12
N ARG A 65 -2.69 -2.58 24.24
CA ARG A 65 -3.35 -1.43 23.61
C ARG A 65 -3.39 -1.62 22.10
N LEU A 66 -2.30 -2.12 21.53
CA LEU A 66 -2.24 -2.40 20.10
C LEU A 66 -3.26 -3.48 19.70
N ALA A 67 -3.26 -4.60 20.40
CA ALA A 67 -4.18 -5.69 20.08
C ALA A 67 -5.63 -5.20 20.10
N ASP A 68 -5.98 -4.45 21.14
CA ASP A 68 -7.33 -3.91 21.27
CA ASP A 68 -7.32 -3.91 21.27
C ASP A 68 -7.66 -2.94 20.13
N TYR A 69 -6.72 -2.04 19.82
CA TYR A 69 -6.93 -1.05 18.79
C TYR A 69 -7.18 -1.71 17.44
N ALA A 70 -6.29 -2.62 17.07
CA ALA A 70 -6.38 -3.29 15.79
C ALA A 70 -7.60 -4.20 15.67
N ARG A 71 -7.88 -4.99 16.71
CA ARG A 71 -8.97 -5.94 16.58
CA ARG A 71 -8.99 -5.94 16.69
C ARG A 71 -10.34 -5.24 16.54
N THR A 72 -10.46 -4.05 17.13
CA THR A 72 -11.75 -3.35 17.12
C THR A 72 -11.87 -2.29 16.02
N ALA A 73 -10.83 -2.12 15.22
CA ALA A 73 -10.81 -1.04 14.25
C ALA A 73 -11.98 -1.10 13.28
N ALA A 74 -12.22 -2.29 12.71
CA ALA A 74 -13.30 -2.43 11.74
C ALA A 74 -14.68 -2.14 12.35
N GLU A 75 -14.95 -2.68 13.55
CA GLU A 75 -16.25 -2.49 14.15
C GLU A 75 -16.47 -1.03 14.59
N ARG A 76 -15.37 -0.31 14.82
CA ARG A 76 -15.45 1.13 15.14
C ARG A 76 -15.66 1.99 13.90
N GLY A 77 -15.58 1.38 12.73
CA GLY A 77 -15.86 2.09 11.49
C GLY A 77 -14.64 2.60 10.76
N LEU A 78 -13.45 2.28 11.25
CA LEU A 78 -12.22 2.61 10.51
C LEU A 78 -12.21 1.85 9.21
N ASN A 79 -11.65 2.47 8.18
CA ASN A 79 -11.50 1.84 6.89
C ASN A 79 -10.03 1.55 6.55
N VAL A 80 -9.12 2.41 6.98
CA VAL A 80 -7.69 2.28 6.71
C VAL A 80 -6.91 2.64 7.96
N ILE A 81 -5.82 1.90 8.24
CA ILE A 81 -4.92 2.29 9.32
C ILE A 81 -3.58 2.68 8.73
N ILE A 82 -3.07 3.83 9.16
CA ILE A 82 -1.72 4.29 8.81
C ILE A 82 -0.88 4.17 10.06
N ALA A 83 0.18 3.37 10.02
CA ALA A 83 0.98 3.09 11.21
C ALA A 83 2.43 3.45 10.94
N GLY A 84 3.02 4.26 11.82
CA GLY A 84 4.41 4.67 11.66
C GLY A 84 5.27 4.18 12.80
N ALA A 85 6.47 3.72 12.49
CA ALA A 85 7.40 3.25 13.51
C ALA A 85 8.83 3.27 12.99
N GLY A 86 9.79 3.41 13.89
CA GLY A 86 11.20 3.39 13.51
C GLY A 86 11.98 2.31 14.24
N GLY A 87 13.14 1.96 13.69
CA GLY A 87 13.98 0.94 14.30
C GLY A 87 13.48 -0.46 13.97
N ALA A 88 13.41 -1.32 14.98
CA ALA A 88 12.69 -2.59 14.87
C ALA A 88 11.21 -2.26 14.85
N ALA A 89 10.71 -1.95 13.66
CA ALA A 89 9.41 -1.32 13.50
C ALA A 89 8.34 -2.37 13.29
N HIS A 90 7.65 -2.73 14.37
CA HIS A 90 6.72 -3.85 14.34
C HIS A 90 5.26 -3.40 14.34
N LEU A 91 5.03 -2.11 14.58
CA LEU A 91 3.66 -1.63 14.75
C LEU A 91 2.76 -1.90 13.51
N PRO A 92 3.21 -1.58 12.28
CA PRO A 92 2.31 -1.86 11.15
C PRO A 92 1.99 -3.34 10.98
N GLY A 93 3.01 -4.20 11.10
CA GLY A 93 2.80 -5.61 10.85
C GLY A 93 1.92 -6.29 11.89
N MET A 94 2.12 -5.92 13.15
CA MET A 94 1.28 -6.50 14.20
C MET A 94 -0.14 -5.94 14.14
N CYS A 95 -0.30 -4.69 13.71
CA CYS A 95 -1.64 -4.16 13.46
CA CYS A 95 -1.63 -4.16 13.40
C CYS A 95 -2.33 -5.02 12.38
N ALA A 96 -1.65 -5.26 11.27
CA ALA A 96 -2.21 -6.04 10.18
C ALA A 96 -2.54 -7.47 10.64
N ALA A 97 -1.80 -8.01 11.59
CA ALA A 97 -2.10 -9.35 12.11
C ALA A 97 -3.49 -9.45 12.74
N TRP A 98 -3.98 -8.33 13.29
CA TRP A 98 -5.22 -8.31 14.06
CA TRP A 98 -5.23 -8.38 14.03
C TRP A 98 -6.41 -7.69 13.33
N THR A 99 -6.21 -7.18 12.11
CA THR A 99 -7.33 -6.58 11.36
C THR A 99 -7.33 -7.01 9.90
N ARG A 100 -8.51 -7.05 9.28
CA ARG A 100 -8.60 -7.29 7.85
C ARG A 100 -8.59 -5.98 7.07
N LEU A 101 -8.61 -4.85 7.78
CA LEU A 101 -8.51 -3.56 7.11
C LEU A 101 -7.15 -3.40 6.45
N PRO A 102 -7.09 -2.63 5.36
CA PRO A 102 -5.77 -2.31 4.82
C PRO A 102 -4.92 -1.52 5.81
N VAL A 103 -3.68 -1.95 6.00
CA VAL A 103 -2.73 -1.27 6.87
C VAL A 103 -1.57 -0.75 6.03
N LEU A 104 -1.31 0.56 6.18
CA LEU A 104 -0.25 1.23 5.44
C LEU A 104 0.84 1.57 6.43
N GLY A 105 2.10 1.28 6.07
CA GLY A 105 3.20 1.45 7.00
C GLY A 105 4.16 2.54 6.58
N VAL A 106 4.54 3.37 7.56
CA VAL A 106 5.49 4.46 7.34
C VAL A 106 6.76 4.19 8.13
N PRO A 107 7.88 3.92 7.43
CA PRO A 107 9.15 3.74 8.14
C PRO A 107 9.66 5.10 8.62
N VAL A 108 9.79 5.26 9.93
CA VAL A 108 10.33 6.50 10.49
C VAL A 108 11.86 6.45 10.46
N GLU A 109 12.48 7.57 10.12
CA GLU A 109 13.93 7.60 10.02
C GLU A 109 14.52 7.44 11.42
N SER A 110 15.33 6.41 11.58
CA SER A 110 16.04 6.11 12.83
C SER A 110 17.38 6.84 12.86
N ARG A 111 17.94 7.04 14.06
CA ARG A 111 19.15 7.85 14.17
C ARG A 111 20.36 7.20 13.50
N ALA A 112 20.68 5.96 13.85
CA ALA A 112 21.89 5.35 13.31
C ALA A 112 21.70 4.88 11.87
N LEU A 113 20.67 4.09 11.61
CA LEU A 113 20.57 3.41 10.32
C LEU A 113 19.64 4.09 9.33
N LYS A 114 19.21 5.31 9.66
CA LYS A 114 18.53 6.22 8.73
C LYS A 114 17.25 5.64 8.17
N GLY A 115 16.60 4.80 8.97
CA GLY A 115 15.37 4.19 8.53
C GLY A 115 15.50 2.92 7.70
N MET A 116 16.71 2.42 7.45
CA MET A 116 16.83 1.16 6.72
CA MET A 116 16.85 1.15 6.73
C MET A 116 16.34 0.00 7.58
N ASP A 117 16.60 0.06 8.89
CA ASP A 117 16.02 -0.91 9.80
C ASP A 117 14.49 -0.78 9.80
N SER A 118 13.98 0.45 9.87
CA SER A 118 12.54 0.69 9.81
C SER A 118 11.93 0.11 8.56
N LEU A 119 12.57 0.39 7.43
CA LEU A 119 12.02 -0.06 6.14
C LEU A 119 11.96 -1.59 6.05
N LEU A 120 13.06 -2.26 6.36
CA LEU A 120 13.06 -3.72 6.20
C LEU A 120 12.14 -4.41 7.21
N SER A 121 12.01 -3.86 8.42
CA SER A 121 11.12 -4.36 9.47
CA SER A 121 11.15 -4.51 9.39
C SER A 121 9.66 -4.28 9.08
N ILE A 122 9.35 -3.30 8.24
CA ILE A 122 7.97 -3.10 7.81
C ILE A 122 7.63 -3.78 6.49
N VAL A 123 8.49 -3.63 5.47
CA VAL A 123 8.08 -4.06 4.13
C VAL A 123 8.18 -5.57 3.94
N GLN A 124 9.09 -6.25 4.66
CA GLN A 124 9.40 -7.65 4.37
C GLN A 124 8.43 -8.65 5.04
N MET A 125 7.14 -8.28 5.05
CA MET A 125 6.12 -9.17 5.61
C MET A 125 6.02 -10.46 4.80
N PRO A 126 6.05 -11.61 5.47
CA PRO A 126 5.78 -12.85 4.75
C PRO A 126 4.36 -12.91 4.19
N GLY A 127 4.18 -13.75 3.17
CA GLY A 127 2.89 -13.85 2.53
C GLY A 127 1.79 -14.24 3.49
N GLY A 128 0.67 -13.53 3.41
CA GLY A 128 -0.51 -13.86 4.20
C GLY A 128 -0.99 -12.70 5.07
N VAL A 129 -0.07 -11.78 5.41
CA VAL A 129 -0.42 -10.60 6.21
C VAL A 129 0.29 -9.40 5.61
N PRO A 130 -0.41 -8.60 4.80
CA PRO A 130 0.23 -7.50 4.08
C PRO A 130 0.36 -6.21 4.85
N VAL A 131 1.41 -5.45 4.55
CA VAL A 131 1.47 -4.04 4.90
C VAL A 131 1.91 -3.27 3.67
N GLY A 132 1.08 -2.33 3.22
CA GLY A 132 1.48 -1.47 2.10
C GLY A 132 2.44 -0.42 2.59
N THR A 133 3.69 -0.49 2.17
CA THR A 133 4.76 0.34 2.76
C THR A 133 5.10 1.55 1.89
N LEU A 134 5.30 2.68 2.55
CA LEU A 134 5.65 3.92 1.88
C LEU A 134 7.11 4.29 2.19
N ALA A 135 7.57 5.39 1.60
CA ALA A 135 8.99 5.80 1.74
C ALA A 135 9.39 6.09 3.18
N ILE A 136 10.69 6.00 3.43
CA ILE A 136 11.22 6.44 4.72
C ILE A 136 10.93 7.93 4.92
N GLY A 137 10.35 8.27 6.08
CA GLY A 137 10.29 9.66 6.51
C GLY A 137 9.03 10.42 6.13
N ALA A 138 9.15 11.75 6.14
CA ALA A 138 8.01 12.63 5.91
C ALA A 138 7.29 12.35 4.59
N SER A 139 8.04 12.05 3.52
CA SER A 139 7.44 11.71 2.22
CA SER A 139 7.40 11.77 2.25
C SER A 139 6.52 10.51 2.33
N GLY A 140 6.95 9.51 3.09
CA GLY A 140 6.16 8.32 3.31
C GLY A 140 4.89 8.59 4.12
N ALA A 141 5.00 9.47 5.12
CA ALA A 141 3.81 9.83 5.91
C ALA A 141 2.77 10.54 5.03
N LYS A 142 3.23 11.52 4.25
CA LYS A 142 2.34 12.21 3.32
C LYS A 142 1.72 11.21 2.35
N ASN A 143 2.55 10.31 1.82
CA ASN A 143 2.03 9.38 0.84
C ASN A 143 1.11 8.31 1.44
N ALA A 144 1.28 7.95 2.71
CA ALA A 144 0.35 7.02 3.33
C ALA A 144 -1.03 7.68 3.41
N ALA A 145 -1.06 8.97 3.73
CA ALA A 145 -2.33 9.67 3.76
C ALA A 145 -2.97 9.77 2.36
N LEU A 146 -2.16 10.05 1.33
CA LEU A 146 -2.68 10.10 -0.03
C LEU A 146 -3.16 8.74 -0.50
N LEU A 147 -2.43 7.69 -0.16
CA LEU A 147 -2.85 6.34 -0.54
C LEU A 147 -4.16 5.96 0.18
N ALA A 148 -4.28 6.30 1.46
CA ALA A 148 -5.54 6.11 2.17
C ALA A 148 -6.67 6.87 1.48
N ALA A 149 -6.41 8.10 1.07
CA ALA A 149 -7.39 8.90 0.36
C ALA A 149 -7.79 8.22 -0.96
N SER A 150 -6.82 7.67 -1.69
CA SER A 150 -7.15 7.02 -2.95
CA SER A 150 -7.09 6.97 -2.94
C SER A 150 -7.99 5.76 -2.74
N ILE A 151 -7.80 5.08 -1.62
CA ILE A 151 -8.62 3.92 -1.28
C ILE A 151 -10.07 4.36 -0.98
N LEU A 152 -10.20 5.38 -0.14
CA LEU A 152 -11.52 5.89 0.24
C LEU A 152 -12.28 6.48 -0.95
N ALA A 153 -11.53 7.06 -1.88
CA ALA A 153 -12.12 7.70 -3.05
C ALA A 153 -12.85 6.71 -3.97
N LEU A 154 -12.49 5.43 -3.86
CA LEU A 154 -13.14 4.41 -4.67
C LEU A 154 -14.63 4.32 -4.39
N TYR A 155 -15.07 4.75 -3.21
CA TYR A 155 -16.47 4.60 -2.82
CA TYR A 155 -16.48 4.62 -2.84
C TYR A 155 -17.12 5.91 -2.38
C TYR A 155 -17.00 5.86 -2.12
N ASN A 156 -16.33 6.98 -2.36
CA ASN A 156 -16.79 8.30 -1.90
CA ASN A 156 -16.78 8.28 -1.89
C ASN A 156 -16.55 9.33 -2.99
N PRO A 157 -17.59 9.62 -3.81
CA PRO A 157 -17.40 10.48 -4.98
C PRO A 157 -16.97 11.93 -4.66
N ALA A 158 -17.43 12.49 -3.55
CA ALA A 158 -17.03 13.86 -3.25
C ALA A 158 -15.55 13.91 -2.92
N LEU A 159 -15.08 12.94 -2.12
CA LEU A 159 -13.66 12.83 -1.83
C LEU A 159 -12.87 12.57 -3.11
N ALA A 160 -13.38 11.71 -3.98
CA ALA A 160 -12.67 11.44 -5.23
C ALA A 160 -12.43 12.72 -6.01
N ALA A 161 -13.42 13.62 -6.06
CA ALA A 161 -13.25 14.89 -6.74
C ALA A 161 -12.23 15.79 -6.04
N ARG A 162 -12.23 15.82 -4.70
CA ARG A 162 -11.24 16.60 -3.98
C ARG A 162 -9.82 16.06 -4.20
N LEU A 163 -9.69 14.73 -4.28
CA LEU A 163 -8.39 14.12 -4.54
C LEU A 163 -7.91 14.43 -5.96
N GLU A 164 -8.82 14.41 -6.93
CA GLU A 164 -8.49 14.80 -8.30
CA GLU A 164 -8.52 14.80 -8.29
C GLU A 164 -7.98 16.24 -8.34
N THR A 165 -8.67 17.13 -7.64
CA THR A 165 -8.23 18.51 -7.56
C THR A 165 -6.84 18.63 -6.93
N TRP A 166 -6.61 17.88 -5.86
CA TRP A 166 -5.33 17.89 -5.16
C TRP A 166 -4.20 17.46 -6.11
N ARG A 167 -4.40 16.34 -6.81
CA ARG A 167 -3.39 15.83 -7.74
CA ARG A 167 -3.38 15.85 -7.74
C ARG A 167 -3.20 16.79 -8.93
N ALA A 168 -4.29 17.40 -9.39
CA ALA A 168 -4.19 18.34 -10.50
C ALA A 168 -3.39 19.59 -10.12
N LEU A 169 -3.61 20.08 -8.89
CA LEU A 169 -2.88 21.23 -8.41
C LEU A 169 -1.41 20.89 -8.23
N GLN A 170 -1.13 19.69 -7.72
CA GLN A 170 0.26 19.25 -7.60
C GLN A 170 0.98 19.29 -8.94
N THR A 171 0.34 18.73 -9.97
CA THR A 171 0.92 18.71 -11.30
C THR A 171 1.07 20.11 -11.88
N ALA A 172 0.01 20.92 -11.78
CA ALA A 172 0.03 22.24 -12.41
C ALA A 172 1.00 23.20 -11.75
N SER A 173 1.32 22.98 -10.47
CA SER A 173 2.13 23.92 -9.68
CA SER A 173 2.12 23.97 -9.73
C SER A 173 3.63 23.72 -9.83
N VAL A 174 4.04 22.63 -10.45
CA VAL A 174 5.48 22.41 -10.63
C VAL A 174 6.01 23.50 -11.57
N PRO A 175 7.02 24.28 -11.11
CA PRO A 175 7.60 25.32 -11.95
C PRO A 175 8.29 24.74 -13.19
N ASN A 176 8.51 25.58 -14.20
CA ASN A 176 9.20 25.12 -15.39
C ASN A 176 10.70 25.27 -15.30
N SER A 177 11.20 26.15 -14.44
CA SER A 177 12.64 26.29 -14.32
C SER A 177 13.03 26.58 -12.87
N PRO A 178 14.24 26.18 -12.48
CA PRO A 178 14.68 26.42 -11.10
C PRO A 178 14.97 27.88 -10.86
N ILE A 179 14.85 28.31 -9.61
CA ILE A 179 15.20 29.67 -9.22
C ILE A 179 16.48 29.71 -8.39
N SER B 21 -17.51 -10.05 -13.87
CA SER B 21 -17.01 -10.20 -15.23
C SER B 21 -15.89 -9.21 -15.53
N ALA B 22 -16.22 -7.92 -15.56
CA ALA B 22 -15.26 -6.87 -15.84
C ALA B 22 -14.18 -6.78 -14.75
N PRO B 23 -12.92 -6.58 -15.16
CA PRO B 23 -11.84 -6.59 -14.17
C PRO B 23 -11.89 -5.39 -13.22
N VAL B 24 -11.59 -5.63 -11.94
CA VAL B 24 -11.52 -4.54 -10.97
C VAL B 24 -10.10 -4.39 -10.43
N VAL B 25 -9.22 -5.36 -10.72
CA VAL B 25 -7.80 -5.22 -10.42
C VAL B 25 -7.03 -5.47 -11.70
N GLY B 26 -6.01 -4.66 -11.96
CA GLY B 26 -5.06 -4.93 -13.03
C GLY B 26 -3.74 -5.36 -12.44
N ILE B 27 -3.23 -6.50 -12.88
CA ILE B 27 -1.88 -6.94 -12.55
C ILE B 27 -1.00 -6.71 -13.76
N ILE B 28 0.04 -5.89 -13.61
CA ILE B 28 0.92 -5.57 -14.73
C ILE B 28 2.38 -5.81 -14.36
N MET B 29 3.17 -6.15 -15.36
CA MET B 29 4.59 -6.44 -15.15
C MET B 29 5.34 -6.15 -16.43
N GLY B 30 6.65 -5.93 -16.34
CA GLY B 30 7.38 -5.48 -17.51
C GLY B 30 7.87 -6.56 -18.44
N SER B 31 7.92 -7.80 -17.97
CA SER B 31 8.51 -8.89 -18.75
CA SER B 31 8.53 -8.88 -18.74
C SER B 31 7.96 -10.24 -18.37
N GLN B 32 8.11 -11.20 -19.28
CA GLN B 32 7.72 -12.58 -18.99
C GLN B 32 8.49 -13.11 -17.78
N SER B 33 9.72 -12.65 -17.60
CA SER B 33 10.52 -13.12 -16.47
CA SER B 33 10.54 -13.08 -16.47
C SER B 33 9.88 -12.73 -15.14
N ASP B 34 9.12 -11.64 -15.13
CA ASP B 34 8.43 -11.23 -13.91
C ASP B 34 7.26 -12.16 -13.55
N TRP B 35 6.78 -12.93 -14.51
CA TRP B 35 5.62 -13.77 -14.25
C TRP B 35 5.87 -14.81 -13.15
N GLU B 36 7.09 -15.33 -13.05
CA GLU B 36 7.40 -16.31 -12.02
C GLU B 36 7.06 -15.77 -10.64
N THR B 37 7.21 -14.46 -10.47
CA THR B 37 6.81 -13.77 -9.25
C THR B 37 5.33 -13.36 -9.24
N MET B 38 4.86 -12.71 -10.30
CA MET B 38 3.53 -12.11 -10.29
C MET B 38 2.39 -13.13 -10.37
N ARG B 39 2.69 -14.34 -10.82
CA ARG B 39 1.69 -15.42 -10.84
C ARG B 39 1.06 -15.65 -9.46
N HIS B 40 1.80 -15.33 -8.39
CA HIS B 40 1.25 -15.54 -7.05
C HIS B 40 0.14 -14.54 -6.72
N ALA B 41 0.25 -13.34 -7.28
CA ALA B 41 -0.84 -12.35 -7.16
C ALA B 41 -2.07 -12.81 -7.96
N ASP B 42 -1.83 -13.26 -9.18
CA ASP B 42 -2.91 -13.73 -10.04
C ASP B 42 -3.68 -14.88 -9.39
N ALA B 43 -2.95 -15.84 -8.84
CA ALA B 43 -3.58 -17.01 -8.23
C ALA B 43 -4.43 -16.62 -7.03
N LEU B 44 -3.97 -15.65 -6.23
CA LEU B 44 -4.70 -15.29 -5.03
C LEU B 44 -5.98 -14.51 -5.37
N LEU B 45 -5.90 -13.62 -6.35
CA LEU B 45 -7.12 -12.92 -6.78
C LEU B 45 -8.15 -13.94 -7.28
N THR B 46 -7.71 -14.93 -8.04
CA THR B 46 -8.61 -15.98 -8.53
C THR B 46 -9.23 -16.78 -7.39
N GLU B 47 -8.41 -17.13 -6.39
CA GLU B 47 -8.89 -17.84 -5.22
C GLU B 47 -10.00 -17.07 -4.50
N LEU B 48 -9.82 -15.75 -4.41
CA LEU B 48 -10.79 -14.92 -3.71
C LEU B 48 -11.93 -14.43 -4.62
N GLU B 49 -11.94 -14.91 -5.86
CA GLU B 49 -13.00 -14.63 -6.84
C GLU B 49 -13.07 -13.13 -7.15
N ILE B 50 -11.91 -12.52 -7.34
CA ILE B 50 -11.81 -11.11 -7.72
C ILE B 50 -11.49 -11.01 -9.20
N PRO B 51 -12.41 -10.46 -10.00
CA PRO B 51 -12.18 -10.35 -11.44
C PRO B 51 -10.99 -9.43 -11.72
N HIS B 52 -10.10 -9.86 -12.60
CA HIS B 52 -8.89 -9.09 -12.87
C HIS B 52 -8.33 -9.34 -14.26
N GLU B 53 -7.42 -8.47 -14.67
CA GLU B 53 -6.69 -8.65 -15.91
C GLU B 53 -5.20 -8.72 -15.58
N THR B 54 -4.47 -9.48 -16.38
CA THR B 54 -3.04 -9.69 -16.17
C THR B 54 -2.31 -9.42 -17.47
N LEU B 55 -1.46 -8.40 -17.47
CA LEU B 55 -0.87 -7.87 -18.69
C LEU B 55 0.61 -7.59 -18.56
N ILE B 56 1.29 -7.52 -19.70
CA ILE B 56 2.65 -7.01 -19.71
C ILE B 56 2.64 -5.55 -20.17
N VAL B 57 3.23 -4.70 -19.34
CA VAL B 57 3.38 -3.28 -19.64
C VAL B 57 4.81 -2.90 -19.24
N ALA B 58 5.64 -2.54 -20.21
CA ALA B 58 7.05 -2.29 -19.95
C ALA B 58 7.32 -0.80 -19.83
N ALA B 59 7.76 -0.34 -18.66
CA ALA B 59 7.95 1.09 -18.44
C ALA B 59 8.96 1.68 -19.41
N HIS B 60 10.02 0.93 -19.72
CA HIS B 60 11.08 1.48 -20.54
C HIS B 60 10.98 1.13 -22.01
N ARG B 61 10.45 -0.05 -22.31
N ARG B 61 10.44 -0.06 -22.30
CA ARG B 61 10.34 -0.45 -23.71
CA ARG B 61 10.34 -0.49 -23.69
C ARG B 61 9.00 -0.05 -24.31
C ARG B 61 8.99 -0.15 -24.31
N THR B 62 7.95 0.05 -23.50
CA THR B 62 6.65 0.50 -24.01
C THR B 62 6.07 1.66 -23.16
N PRO B 63 6.78 2.80 -23.11
CA PRO B 63 6.33 3.87 -22.21
C PRO B 63 4.98 4.48 -22.62
N ASP B 64 4.66 4.54 -23.91
CA ASP B 64 3.35 5.05 -24.31
C ASP B 64 2.24 4.08 -23.93
N ARG B 65 2.53 2.78 -24.03
CA ARG B 65 1.57 1.78 -23.57
C ARG B 65 1.27 1.97 -22.08
N LEU B 66 2.30 2.23 -21.29
CA LEU B 66 2.10 2.48 -19.86
CA LEU B 66 2.13 2.49 -19.85
C LEU B 66 1.24 3.70 -19.61
N ALA B 67 1.57 4.82 -20.26
CA ALA B 67 0.80 6.05 -20.07
C ALA B 67 -0.68 5.81 -20.37
N ASP B 68 -0.96 5.14 -21.49
CA ASP B 68 -2.33 4.88 -21.87
CA ASP B 68 -2.33 4.85 -21.88
C ASP B 68 -3.02 3.93 -20.89
N TYR B 69 -2.31 2.90 -20.44
CA TYR B 69 -2.91 1.94 -19.52
C TYR B 69 -3.30 2.62 -18.22
N ALA B 70 -2.34 3.36 -17.67
CA ALA B 70 -2.56 4.00 -16.37
C ALA B 70 -3.61 5.11 -16.44
N ARG B 71 -3.52 5.96 -17.47
N ARG B 71 -3.56 5.95 -17.47
CA ARG B 71 -4.46 7.07 -17.63
CA ARG B 71 -4.48 7.09 -17.51
C ARG B 71 -5.91 6.59 -17.70
C ARG B 71 -5.93 6.68 -17.81
N THR B 72 -6.13 5.50 -18.42
CA THR B 72 -7.49 5.01 -18.69
C THR B 72 -8.01 4.00 -17.68
N ALA B 73 -7.19 3.64 -16.70
CA ALA B 73 -7.55 2.55 -15.79
C ALA B 73 -8.86 2.80 -15.06
N ALA B 74 -9.02 4.01 -14.51
CA ALA B 74 -10.23 4.32 -13.75
C ALA B 74 -11.48 4.29 -14.63
N GLU B 75 -11.40 4.88 -15.82
CA GLU B 75 -12.57 4.92 -16.70
C GLU B 75 -12.92 3.52 -17.21
N ARG B 76 -11.94 2.62 -17.19
CA ARG B 76 -12.18 1.24 -17.61
CA ARG B 76 -12.17 1.23 -17.60
C ARG B 76 -12.76 0.40 -16.47
N GLY B 77 -12.87 1.00 -15.29
CA GLY B 77 -13.49 0.32 -14.16
C GLY B 77 -12.54 -0.35 -13.18
N LEU B 78 -11.23 -0.24 -13.42
CA LEU B 78 -10.27 -0.77 -12.46
C LEU B 78 -10.35 0.01 -11.16
N ASN B 79 -10.12 -0.68 -10.04
CA ASN B 79 -10.11 -0.07 -8.76
C ASN B 79 -8.71 -0.06 -8.12
N VAL B 80 -7.91 -1.07 -8.42
CA VAL B 80 -6.54 -1.20 -7.87
C VAL B 80 -5.63 -1.69 -8.98
N ILE B 81 -4.39 -1.18 -9.02
CA ILE B 81 -3.36 -1.71 -9.91
C ILE B 81 -2.26 -2.34 -9.06
N ILE B 82 -1.88 -3.56 -9.41
CA ILE B 82 -0.73 -4.26 -8.82
C ILE B 82 0.34 -4.30 -9.89
N ALA B 83 1.50 -3.70 -9.64
CA ALA B 83 2.55 -3.59 -10.64
C ALA B 83 3.83 -4.18 -10.10
N GLY B 84 4.46 -5.08 -10.86
CA GLY B 84 5.73 -5.67 -10.45
C GLY B 84 6.85 -5.31 -11.39
N ALA B 85 8.03 -5.06 -10.85
CA ALA B 85 9.22 -4.79 -11.65
C ALA B 85 10.47 -5.00 -10.83
N GLY B 86 11.58 -5.26 -11.53
CA GLY B 86 12.86 -5.47 -10.88
C GLY B 86 13.96 -4.58 -11.43
N GLY B 87 15.05 -4.46 -10.67
CA GLY B 87 16.18 -3.63 -11.07
C GLY B 87 15.87 -2.17 -10.83
N ALA B 88 16.17 -1.32 -11.81
CA ALA B 88 15.67 0.05 -11.82
C ALA B 88 14.18 -0.03 -12.12
N ALA B 89 13.39 -0.23 -11.07
CA ALA B 89 12.00 -0.66 -11.21
C ALA B 89 11.09 0.55 -11.21
N HIS B 90 10.67 0.97 -12.39
CA HIS B 90 9.96 2.24 -12.53
C HIS B 90 8.48 2.06 -12.84
N LEU B 91 8.07 0.82 -13.14
CA LEU B 91 6.69 0.59 -13.58
C LEU B 91 5.62 1.01 -12.53
N PRO B 92 5.76 0.60 -11.25
CA PRO B 92 4.74 1.03 -10.28
C PRO B 92 4.64 2.56 -10.13
N GLY B 93 5.79 3.21 -10.04
CA GLY B 93 5.79 4.66 -9.78
C GLY B 93 5.26 5.46 -10.94
N MET B 94 5.62 5.06 -12.16
CA MET B 94 5.12 5.79 -13.32
C MET B 94 3.64 5.49 -13.53
N CYS B 95 3.18 4.29 -13.20
CA CYS B 95 1.75 4.01 -13.20
CA CYS B 95 1.75 4.04 -13.19
C CYS B 95 1.02 4.98 -12.26
N ALA B 96 1.51 5.08 -11.03
CA ALA B 96 0.91 5.96 -10.03
C ALA B 96 0.90 7.42 -10.47
N ALA B 97 1.88 7.83 -11.28
CA ALA B 97 1.92 9.21 -11.77
C ALA B 97 0.72 9.54 -12.65
N TRP B 98 0.17 8.53 -13.31
CA TRP B 98 -0.87 8.72 -14.33
CA TRP B 98 -0.88 8.79 -14.29
C TRP B 98 -2.27 8.31 -13.87
N THR B 99 -2.40 7.78 -12.66
CA THR B 99 -3.73 7.38 -12.17
C THR B 99 -3.96 7.85 -10.74
N ARG B 100 -5.21 8.06 -10.38
N ARG B 100 -5.23 8.07 -10.40
CA ARG B 100 -5.49 8.39 -8.99
CA ARG B 100 -5.64 8.41 -9.03
C ARG B 100 -5.94 7.14 -8.23
N LEU B 101 -6.00 6.00 -8.92
CA LEU B 101 -6.26 4.72 -8.26
C LEU B 101 -5.11 4.35 -7.34
N PRO B 102 -5.39 3.56 -6.28
CA PRO B 102 -4.26 3.01 -5.53
C PRO B 102 -3.40 2.06 -6.36
N VAL B 103 -2.09 2.28 -6.30
CA VAL B 103 -1.12 1.43 -6.98
C VAL B 103 -0.26 0.73 -5.93
N LEU B 104 -0.21 -0.59 -6.04
CA LEU B 104 0.57 -1.44 -5.16
C LEU B 104 1.76 -1.96 -5.94
N GLY B 105 2.95 -1.89 -5.34
CA GLY B 105 4.16 -2.28 -6.05
C GLY B 105 4.83 -3.52 -5.47
N VAL B 106 5.22 -4.43 -6.35
CA VAL B 106 5.92 -5.65 -5.98
C VAL B 106 7.36 -5.60 -6.50
N PRO B 107 8.34 -5.53 -5.61
CA PRO B 107 9.74 -5.59 -6.06
C PRO B 107 10.09 -7.02 -6.47
N VAL B 108 10.43 -7.20 -7.74
CA VAL B 108 10.85 -8.49 -8.25
C VAL B 108 12.32 -8.68 -7.95
N GLU B 109 12.69 -9.86 -7.46
CA GLU B 109 14.08 -10.12 -7.08
C GLU B 109 14.98 -10.04 -8.31
N SER B 110 16.05 -9.28 -8.19
CA SER B 110 17.04 -9.13 -9.25
C SER B 110 18.23 -10.05 -8.97
N ARG B 111 19.01 -10.35 -10.00
CA ARG B 111 20.11 -11.31 -9.87
C ARG B 111 21.23 -10.82 -8.95
N ALA B 112 21.84 -9.68 -9.28
CA ALA B 112 23.02 -9.26 -8.52
C ALA B 112 22.61 -8.74 -7.14
N LEU B 113 21.66 -7.81 -7.11
CA LEU B 113 21.37 -7.10 -5.86
C LEU B 113 20.17 -7.62 -5.09
N LYS B 114 19.66 -8.79 -5.49
CA LYS B 114 18.68 -9.55 -4.70
C LYS B 114 17.40 -8.78 -4.45
N GLY B 115 17.07 -7.87 -5.36
CA GLY B 115 15.86 -7.09 -5.20
C GLY B 115 16.01 -5.83 -4.35
N MET B 116 17.21 -5.52 -3.86
CA MET B 116 17.37 -4.28 -3.11
CA MET B 116 17.39 -4.28 -3.11
C MET B 116 17.27 -3.07 -4.02
N ASP B 117 17.77 -3.19 -5.25
CA ASP B 117 17.55 -2.14 -6.23
C ASP B 117 16.06 -2.02 -6.55
N SER B 118 15.38 -3.17 -6.71
CA SER B 118 13.93 -3.15 -6.97
C SER B 118 13.16 -2.47 -5.86
N LEU B 119 13.50 -2.84 -4.63
CA LEU B 119 12.80 -2.30 -3.47
C LEU B 119 12.97 -0.78 -3.35
N LEU B 120 14.21 -0.30 -3.41
CA LEU B 120 14.43 1.13 -3.21
C LEU B 120 13.83 1.95 -4.36
N SER B 121 13.88 1.41 -5.58
CA SER B 121 13.31 2.03 -6.78
CA SER B 121 13.35 2.16 -6.70
C SER B 121 11.82 2.19 -6.69
N ILE B 122 11.18 1.30 -5.95
CA ILE B 122 9.73 1.33 -5.84
C ILE B 122 9.25 2.07 -4.57
N VAL B 123 9.86 1.80 -3.43
CA VAL B 123 9.25 2.31 -2.19
C VAL B 123 9.57 3.78 -1.94
N GLN B 124 10.69 4.27 -2.44
CA GLN B 124 11.16 5.61 -2.07
C GLN B 124 10.54 6.76 -2.90
N MET B 125 9.26 6.61 -3.20
CA MET B 125 8.53 7.65 -3.94
C MET B 125 8.47 8.98 -3.18
N PRO B 126 8.82 10.09 -3.85
N PRO B 126 8.56 10.08 -3.97
CA PRO B 126 8.68 11.35 -3.12
CA PRO B 126 8.48 11.46 -3.47
C PRO B 126 7.21 11.67 -2.82
C PRO B 126 7.11 11.74 -2.90
N GLY B 127 7.01 12.63 -1.92
CA GLY B 127 5.69 13.00 -1.43
C GLY B 127 4.81 13.51 -2.56
N GLY B 128 3.61 12.97 -2.64
CA GLY B 128 2.65 13.41 -3.63
C GLY B 128 2.21 12.32 -4.60
N VAL B 129 3.01 11.27 -4.75
CA VAL B 129 2.67 10.18 -5.67
C VAL B 129 3.01 8.85 -4.98
N PRO B 130 2.02 8.24 -4.32
CA PRO B 130 2.26 7.03 -3.52
CA PRO B 130 2.32 7.05 -3.52
C PRO B 130 2.34 5.74 -4.31
N VAL B 131 3.17 4.81 -3.83
CA VAL B 131 3.06 3.40 -4.22
C VAL B 131 3.11 2.58 -2.94
N GLY B 132 2.05 1.82 -2.66
CA GLY B 132 2.06 0.93 -1.50
C GLY B 132 2.91 -0.29 -1.82
N THR B 133 4.04 -0.42 -1.16
CA THR B 133 5.04 -1.41 -1.55
C THR B 133 5.00 -2.65 -0.65
N LEU B 134 5.14 -3.81 -1.27
CA LEU B 134 5.13 -5.10 -0.56
C LEU B 134 6.54 -5.71 -0.59
N ALA B 135 6.69 -6.88 0.05
CA ALA B 135 8.01 -7.53 0.18
C ALA B 135 8.64 -7.88 -1.17
N ILE B 136 9.96 -7.98 -1.19
CA ILE B 136 10.65 -8.53 -2.35
C ILE B 136 10.15 -9.95 -2.64
N GLY B 137 9.79 -10.18 -3.90
CA GLY B 137 9.53 -11.55 -4.36
C GLY B 137 8.11 -12.09 -4.20
N ALA B 138 8.00 -13.41 -4.18
CA ALA B 138 6.69 -14.09 -4.16
C ALA B 138 5.80 -13.65 -3.00
N SER B 139 6.39 -13.45 -1.82
CA SER B 139 5.63 -13.01 -0.67
C SER B 139 4.96 -11.67 -0.95
N GLY B 140 5.67 -10.79 -1.63
CA GLY B 140 5.15 -9.47 -1.94
C GLY B 140 4.01 -9.55 -2.96
N ALA B 141 4.15 -10.45 -3.94
CA ALA B 141 3.09 -10.63 -4.93
C ALA B 141 1.81 -11.15 -4.27
N LYS B 142 1.94 -12.17 -3.43
CA LYS B 142 0.79 -12.69 -2.68
CA LYS B 142 0.79 -12.69 -2.70
C LYS B 142 0.17 -11.58 -1.85
N ASN B 143 1.01 -10.83 -1.14
CA ASN B 143 0.47 -9.80 -0.28
C ASN B 143 -0.11 -8.60 -1.03
N ALA B 144 0.34 -8.33 -2.25
CA ALA B 144 -0.27 -7.27 -3.04
C ALA B 144 -1.71 -7.65 -3.38
N ALA B 145 -1.92 -8.93 -3.71
CA ALA B 145 -3.26 -9.43 -3.99
C ALA B 145 -4.13 -9.36 -2.74
N LEU B 146 -3.57 -9.75 -1.59
CA LEU B 146 -4.34 -9.70 -0.34
C LEU B 146 -4.67 -8.27 0.05
N LEU B 147 -3.72 -7.35 -0.17
CA LEU B 147 -3.97 -5.94 0.16
C LEU B 147 -5.04 -5.38 -0.78
N ALA B 148 -4.95 -5.71 -2.06
CA ALA B 148 -6.01 -5.33 -3.00
C ALA B 148 -7.36 -5.86 -2.54
N ALA B 149 -7.40 -7.12 -2.10
CA ALA B 149 -8.64 -7.71 -1.62
C ALA B 149 -9.17 -6.95 -0.40
N SER B 150 -8.28 -6.55 0.50
CA SER B 150 -8.74 -5.84 1.69
CA SER B 150 -8.65 -5.80 1.70
C SER B 150 -9.28 -4.45 1.35
N ILE B 151 -8.76 -3.84 0.30
CA ILE B 151 -9.29 -2.56 -0.19
C ILE B 151 -10.69 -2.75 -0.77
N LEU B 152 -10.84 -3.74 -1.66
CA LEU B 152 -12.12 -4.02 -2.29
C LEU B 152 -13.17 -4.46 -1.28
N ALA B 153 -12.73 -5.17 -0.23
CA ALA B 153 -13.64 -5.67 0.79
C ALA B 153 -14.36 -4.55 1.56
N LEU B 154 -13.78 -3.36 1.56
CA LEU B 154 -14.39 -2.21 2.23
C LEU B 154 -15.76 -1.87 1.66
N TYR B 155 -16.00 -2.21 0.40
CA TYR B 155 -17.27 -1.85 -0.24
CA TYR B 155 -17.26 -1.84 -0.24
C TYR B 155 -18.09 -3.08 -0.62
C TYR B 155 -17.82 -3.01 -1.04
N ASN B 156 -17.43 -4.22 -0.65
CA ASN B 156 -18.01 -5.46 -1.17
C ASN B 156 -18.16 -6.48 -0.05
N PRO B 157 -19.34 -6.55 0.56
CA PRO B 157 -19.59 -7.43 1.72
C PRO B 157 -19.32 -8.92 1.46
N ALA B 158 -19.67 -9.42 0.27
CA ALA B 158 -19.42 -10.83 -0.03
C ALA B 158 -17.93 -11.12 -0.02
N LEU B 159 -17.14 -10.26 -0.63
CA LEU B 159 -15.68 -10.44 -0.62
C LEU B 159 -15.14 -10.29 0.80
N ALA B 160 -15.68 -9.35 1.55
CA ALA B 160 -15.25 -9.15 2.92
C ALA B 160 -15.41 -10.45 3.72
N ALA B 161 -16.52 -11.15 3.50
CA ALA B 161 -16.76 -12.44 4.15
C ALA B 161 -15.76 -13.50 3.67
N ARG B 162 -15.51 -13.55 2.37
CA ARG B 162 -14.52 -14.50 1.84
C ARG B 162 -13.12 -14.23 2.41
N LEU B 163 -12.76 -12.96 2.54
CA LEU B 163 -11.44 -12.58 3.06
C LEU B 163 -11.29 -12.91 4.54
N GLU B 164 -12.35 -12.70 5.31
CA GLU B 164 -12.32 -13.06 6.73
C GLU B 164 -12.19 -14.57 6.91
N THR B 165 -12.92 -15.33 6.11
CA THR B 165 -12.80 -16.78 6.11
C THR B 165 -11.38 -17.21 5.75
N TRP B 166 -10.80 -16.55 4.75
CA TRP B 166 -9.45 -16.87 4.29
C TRP B 166 -8.43 -16.64 5.42
N ARG B 167 -8.53 -15.49 6.08
CA ARG B 167 -7.62 -15.17 7.18
CA ARG B 167 -7.62 -15.16 7.17
C ARG B 167 -7.80 -16.11 8.36
N ALA B 168 -9.05 -16.50 8.63
CA ALA B 168 -9.34 -17.40 9.74
C ALA B 168 -8.76 -18.78 9.48
N LEU B 169 -8.86 -19.25 8.24
CA LEU B 169 -8.31 -20.53 7.87
CA LEU B 169 -8.31 -20.55 7.87
C LEU B 169 -6.78 -20.51 7.96
N GLN B 170 -6.19 -19.39 7.55
CA GLN B 170 -4.75 -19.22 7.66
C GLN B 170 -4.30 -19.40 9.11
N THR B 171 -4.99 -18.70 10.01
CA THR B 171 -4.69 -18.81 11.43
C THR B 171 -4.90 -20.22 11.98
N ALA B 172 -5.98 -20.88 11.57
CA ALA B 172 -6.28 -22.22 12.06
C ALA B 172 -5.32 -23.29 11.53
N SER B 173 -4.66 -23.00 10.41
CA SER B 173 -3.78 -23.98 9.79
C SER B 173 -2.35 -24.00 10.35
N VAL B 174 -2.07 -23.09 11.28
CA VAL B 174 -0.74 -23.06 11.90
C VAL B 174 -0.63 -24.15 12.95
N PRO B 175 0.34 -25.06 12.79
CA PRO B 175 0.52 -26.15 13.76
C PRO B 175 1.00 -25.64 15.11
N ASN B 176 0.88 -26.46 16.13
CA ASN B 176 1.33 -26.06 17.47
C ASN B 176 2.80 -26.34 17.71
N SER B 177 3.38 -27.25 16.94
CA SER B 177 4.80 -27.56 17.11
C SER B 177 5.40 -28.07 15.80
N PRO B 178 6.72 -27.96 15.68
CA PRO B 178 7.32 -28.36 14.41
C PRO B 178 7.43 -29.86 14.28
N ILE B 179 7.56 -30.33 13.04
CA ILE B 179 7.90 -31.71 12.81
C ILE B 179 9.41 -31.82 12.93
N THR B 180 9.85 -32.54 13.95
CA THR B 180 11.27 -32.61 14.29
C THR B 180 11.88 -33.91 13.79
#